data_7E8Z
#
_entry.id   7E8Z
#
_cell.length_a   142.293
_cell.length_b   142.293
_cell.length_c   83.901
_cell.angle_alpha   90.000
_cell.angle_beta   90.000
_cell.angle_gamma   120.000
#
_symmetry.space_group_name_H-M   'H 3'
#
loop_
_entity.id
_entity.type
_entity.pdbx_description
1 polymer 'Alpha-ketoglutarate-dependent dioxygenase FTO'
2 non-polymer 'ZINC ION'
3 non-polymer '2-[[6-[(4-nitrophenyl)amino]-3-oxidanyl-pyridin-2-yl]carbonylamino]ethanoic acid'
4 water water
#
_entity_poly.entity_id   1
_entity_poly.type   'polypeptide(L)'
_entity_poly.pdbx_seq_one_letter_code
;MGSSHHHHHHSSGLVPRGSHMTPKDDEFYQQWQLKYPKLILREASSVSEELHKEVQEAFLTLHKHGCLFRDLVRIQGKDL
LTPVSRILIGNPGCTYKYLNTRLFTVPWPVKGSNIKHTEAEIAAACETFLKLNDYLQIETIQALEELAAKEKANEDAVPL
CMSADFPRVGMGSSYNGQDEVDIKSRAAYNVTLLNFMDPQKMPYLKEEPYFGMGKMAVSWHHDENLVDRSAVAVYSYSCE
GPEEESEDDSHLEGRDPDIWHVGFKISWDIETPGLAIPLHQGDCYFMLDDLNATHQHCVLAGSQPRFSSTHRVAECSTGT
LDYILQRCQLALQNVCDDVDNDDVSLKSFEPAVLKQGEEIHNEVEFEWLRQFWFQGNRYRKCTDWWCQPMAQLEALWKKM
EGVTNAVLHEVKREGLPVEQRNEILTAILASLTARQNLRREWHARCQSRIARTLPADQKPECRPYWEKDDASMPLPFDLT
DIVSELRGQLLEAKP
;
_entity_poly.pdbx_strand_id   A
#
loop_
_chem_comp.id
_chem_comp.type
_chem_comp.name
_chem_comp.formula
HZX non-polymer '2-[[6-[(4-nitrophenyl)amino]-3-oxidanyl-pyridin-2-yl]carbonylamino]ethanoic acid' 'C14 H12 N4 O6'
ZN non-polymer 'ZINC ION' 'Zn 2'
#
# COMPACT_ATOMS: atom_id res chain seq x y z
N ARG A 17 15.04 10.40 32.91
CA ARG A 17 14.60 10.49 31.52
C ARG A 17 14.49 9.12 30.85
N GLY A 18 14.11 9.11 29.58
CA GLY A 18 14.01 7.86 28.84
C GLY A 18 15.36 7.30 28.45
N SER A 19 15.37 6.00 28.16
CA SER A 19 16.61 5.30 27.84
C SER A 19 16.30 4.09 26.98
N HIS A 20 17.34 3.58 26.33
CA HIS A 20 17.22 2.40 25.48
C HIS A 20 18.34 1.42 25.81
N MET A 21 18.17 0.18 25.35
CA MET A 21 19.13 -0.88 25.64
C MET A 21 19.66 -1.50 24.35
N THR A 22 20.96 -1.77 24.34
CA THR A 22 21.69 -2.37 23.25
C THR A 22 22.46 -3.57 23.81
N PRO A 23 22.95 -4.47 22.94
CA PRO A 23 23.71 -5.63 23.43
C PRO A 23 24.88 -5.28 24.35
N LYS A 24 25.26 -4.00 24.37
CA LYS A 24 26.29 -3.53 25.30
C LYS A 24 25.78 -3.48 26.75
N ASP A 25 24.49 -3.66 26.98
CA ASP A 25 23.91 -3.57 28.31
C ASP A 25 23.61 -4.95 28.86
N ASP A 26 23.88 -5.13 30.16
CA ASP A 26 23.60 -6.41 30.81
C ASP A 26 22.09 -6.71 30.79
N GLU A 27 21.27 -5.70 31.06
CA GLU A 27 19.83 -5.87 31.11
C GLU A 27 19.21 -6.10 29.74
N PHE A 28 19.97 -5.91 28.66
CA PHE A 28 19.41 -5.99 27.32
C PHE A 28 18.81 -7.36 27.03
N TYR A 29 19.51 -8.39 27.39
CA TYR A 29 19.04 -9.71 27.12
C TYR A 29 17.85 -10.08 27.92
N GLN A 30 17.87 -9.89 29.19
CA GLN A 30 16.70 -10.19 30.01
C GLN A 30 15.51 -9.30 29.63
N GLN A 31 15.78 -8.06 29.24
CA GLN A 31 14.70 -7.20 28.77
C GLN A 31 14.07 -7.78 27.51
N TRP A 32 14.90 -8.37 26.63
CA TRP A 32 14.39 -8.99 25.41
C TRP A 32 13.49 -10.18 25.72
N GLN A 33 13.91 -11.04 26.66
CA GLN A 33 13.13 -12.23 27.00
C GLN A 33 11.81 -11.88 27.66
N LEU A 34 11.81 -10.88 28.54
CA LEU A 34 10.64 -10.58 29.36
C LEU A 34 9.68 -9.57 28.73
N LYS A 35 10.15 -8.71 27.83
CA LYS A 35 9.30 -7.68 27.28
C LYS A 35 9.11 -7.74 25.76
N TYR A 36 10.05 -8.35 25.02
CA TYR A 36 9.92 -8.48 23.57
C TYR A 36 10.18 -9.92 23.12
N PRO A 37 9.51 -10.91 23.73
CA PRO A 37 9.84 -12.30 23.40
C PRO A 37 9.39 -12.72 22.00
N LYS A 38 8.38 -12.06 21.43
CA LYS A 38 7.91 -12.40 20.09
C LYS A 38 8.68 -11.69 18.99
N LEU A 39 9.86 -11.16 19.32
CA LEU A 39 10.77 -10.57 18.37
C LEU A 39 11.94 -11.53 18.19
N ILE A 40 12.20 -11.93 16.95
CA ILE A 40 13.22 -12.94 16.68
C ILE A 40 14.27 -12.34 15.73
N LEU A 41 15.54 -12.56 16.06
CA LEU A 41 16.64 -12.07 15.26
C LEU A 41 17.42 -13.25 14.69
N ARG A 42 17.73 -13.19 13.41
CA ARG A 42 18.55 -14.19 12.72
C ARG A 42 19.72 -13.47 12.06
N GLU A 43 20.93 -13.75 12.54
CA GLU A 43 22.11 -13.08 12.03
C GLU A 43 22.47 -13.62 10.64
N ALA A 44 23.38 -12.90 9.97
CA ALA A 44 23.81 -13.30 8.64
C ALA A 44 24.48 -14.68 8.64
N SER A 45 24.94 -15.15 9.81
CA SER A 45 25.53 -16.48 9.87
C SER A 45 24.55 -17.57 9.48
N SER A 46 23.26 -17.35 9.73
CA SER A 46 22.24 -18.35 9.48
C SER A 46 21.70 -18.31 8.06
N VAL A 47 22.26 -17.46 7.21
CA VAL A 47 21.80 -17.30 5.82
C VAL A 47 22.95 -17.67 4.90
N SER A 48 22.66 -18.49 3.90
CA SER A 48 23.71 -18.99 3.01
C SER A 48 24.35 -17.84 2.24
N GLU A 49 25.66 -17.95 2.03
CA GLU A 49 26.37 -16.94 1.24
C GLU A 49 25.83 -16.88 -0.19
N GLU A 50 25.51 -18.05 -0.76
CA GLU A 50 24.95 -18.07 -2.11
C GLU A 50 23.68 -17.25 -2.18
N LEU A 51 22.79 -17.41 -1.21
CA LEU A 51 21.60 -16.57 -1.16
C LEU A 51 21.95 -15.13 -0.81
N HIS A 52 22.98 -14.92 0.01
CA HIS A 52 23.40 -13.56 0.37
C HIS A 52 23.76 -12.76 -0.87
N LYS A 53 24.62 -13.32 -1.72
CA LYS A 53 25.05 -12.61 -2.92
C LYS A 53 23.87 -12.33 -3.86
N GLU A 54 23.01 -13.33 -4.04
CA GLU A 54 21.90 -13.18 -4.99
C GLU A 54 20.99 -12.04 -4.59
N VAL A 55 20.66 -11.94 -3.30
CA VAL A 55 19.74 -10.91 -2.83
C VAL A 55 20.41 -9.53 -2.91
N GLN A 56 21.65 -9.44 -2.44
CA GLN A 56 22.35 -8.16 -2.45
C GLN A 56 22.58 -7.64 -3.86
N GLU A 57 22.94 -8.54 -4.80
CA GLU A 57 23.07 -8.14 -6.19
C GLU A 57 21.73 -7.71 -6.76
N ALA A 58 20.64 -8.37 -6.34
CA ALA A 58 19.31 -7.98 -6.80
C ALA A 58 18.95 -6.59 -6.31
N PHE A 59 19.34 -6.24 -5.08
CA PHE A 59 19.12 -4.89 -4.57
C PHE A 59 19.77 -3.85 -5.47
N LEU A 60 21.05 -4.03 -5.77
CA LEU A 60 21.76 -3.04 -6.58
C LEU A 60 21.31 -3.06 -8.03
N THR A 61 20.83 -4.21 -8.52
CA THR A 61 20.29 -4.24 -9.88
C THR A 61 19.03 -3.38 -9.97
N LEU A 62 18.14 -3.47 -8.98
CA LEU A 62 16.95 -2.62 -8.95
C LEU A 62 17.32 -1.17 -8.71
N HIS A 63 18.38 -0.92 -7.93
CA HIS A 63 18.82 0.46 -7.73
C HIS A 63 19.42 1.03 -9.01
N LYS A 64 20.21 0.22 -9.72
CA LYS A 64 20.85 0.70 -10.95
C LYS A 64 19.81 1.08 -11.99
N HIS A 65 18.73 0.29 -12.09
CA HIS A 65 17.68 0.55 -13.06
C HIS A 65 16.69 1.63 -12.62
N GLY A 66 16.87 2.20 -11.44
CA GLY A 66 15.97 3.23 -10.96
C GLY A 66 14.57 2.75 -10.66
N CYS A 67 14.43 1.59 -10.03
CA CYS A 67 13.13 1.02 -9.74
C CYS A 67 12.60 1.39 -8.36
N LEU A 68 13.38 2.13 -7.57
CA LEU A 68 12.97 2.55 -6.23
C LEU A 68 12.56 4.01 -6.27
N PHE A 69 11.39 4.31 -5.73
CA PHE A 69 10.85 5.65 -5.80
C PHE A 69 10.44 6.12 -4.41
N ARG A 70 10.61 7.42 -4.18
CA ARG A 70 10.04 8.06 -3.00
C ARG A 70 8.56 8.34 -3.27
N ASP A 71 7.72 8.11 -2.28
CA ASP A 71 6.29 8.26 -2.45
C ASP A 71 5.83 9.63 -1.96
N LEU A 72 4.81 10.16 -2.63
CA LEU A 72 4.18 11.43 -2.26
C LEU A 72 2.88 11.11 -1.51
N VAL A 73 3.04 10.68 -0.27
CA VAL A 73 1.93 10.28 0.59
C VAL A 73 1.25 11.50 1.19
N ARG A 74 0.09 11.30 1.81
CA ARG A 74 -0.58 12.34 2.57
C ARG A 74 -0.76 11.86 4.00
N ILE A 75 -0.26 12.64 4.95
CA ILE A 75 -0.34 12.34 6.38
C ILE A 75 -0.94 13.54 7.08
N GLN A 76 -2.02 13.30 7.84
CA GLN A 76 -2.75 14.36 8.55
C GLN A 76 -3.20 15.47 7.60
N GLY A 77 -3.54 15.11 6.37
CA GLY A 77 -3.96 16.09 5.39
C GLY A 77 -2.85 16.94 4.81
N LYS A 78 -1.60 16.55 5.00
CA LYS A 78 -0.45 17.30 4.52
C LYS A 78 0.33 16.45 3.51
N ASP A 79 0.67 17.04 2.37
CA ASP A 79 1.43 16.33 1.35
C ASP A 79 2.89 16.19 1.78
N LEU A 80 3.37 14.95 1.83
CA LEU A 80 4.74 14.65 2.27
C LEU A 80 5.42 13.74 1.26
N LEU A 81 6.70 14.00 1.00
CA LEU A 81 7.50 13.14 0.15
C LEU A 81 8.40 12.27 1.04
N THR A 82 8.22 10.97 0.96
CA THR A 82 8.90 10.07 1.90
C THR A 82 10.41 10.11 1.66
N PRO A 83 11.22 10.18 2.70
CA PRO A 83 12.68 10.11 2.53
C PRO A 83 13.16 8.78 2.00
N VAL A 84 12.39 7.72 2.17
CA VAL A 84 12.78 6.37 1.80
C VAL A 84 12.27 6.08 0.39
N SER A 85 13.17 5.71 -0.51
CA SER A 85 12.79 5.19 -1.81
C SER A 85 12.31 3.75 -1.64
N ARG A 86 11.27 3.38 -2.34
CA ARG A 86 10.75 2.04 -2.25
C ARG A 86 10.07 1.48 -3.47
N ILE A 87 9.78 0.22 -3.42
CA ILE A 87 9.10 -0.47 -4.50
C ILE A 87 8.40 -1.68 -3.90
N LEU A 88 7.27 -2.07 -4.48
CA LEU A 88 6.53 -3.23 -4.01
C LEU A 88 6.69 -4.38 -5.00
N ILE A 89 7.03 -5.55 -4.47
CA ILE A 89 7.14 -6.77 -5.26
C ILE A 89 6.29 -7.84 -4.59
N GLY A 90 5.53 -8.60 -5.38
CA GLY A 90 4.68 -9.62 -4.80
C GLY A 90 3.84 -10.31 -5.84
N ASN A 91 2.78 -10.96 -5.37
CA ASN A 91 1.93 -11.76 -6.23
C ASN A 91 1.28 -10.89 -7.31
N PRO A 92 1.07 -11.44 -8.50
CA PRO A 92 0.41 -10.66 -9.56
C PRO A 92 -0.98 -10.23 -9.14
N GLY A 93 -1.34 -9.00 -9.51
CA GLY A 93 -2.66 -8.48 -9.25
C GLY A 93 -2.89 -7.99 -7.83
N CYS A 94 -1.88 -8.00 -6.98
CA CYS A 94 -2.05 -7.67 -5.58
C CYS A 94 -1.57 -6.25 -5.29
N THR A 95 -2.19 -5.63 -4.29
CA THR A 95 -1.85 -4.27 -3.89
C THR A 95 -1.67 -4.20 -2.39
N TYR A 96 -0.95 -3.17 -1.96
CA TYR A 96 -0.72 -2.90 -0.55
C TYR A 96 -0.92 -1.40 -0.31
N LYS A 97 -1.97 -1.05 0.40
CA LYS A 97 -2.21 0.34 0.72
C LYS A 97 -1.40 0.73 1.94
N TYR A 98 -0.67 1.83 1.83
CA TYR A 98 0.24 2.27 2.88
C TYR A 98 0.34 3.78 2.84
N LEU A 99 0.06 4.42 3.98
CA LEU A 99 0.02 5.88 4.10
C LEU A 99 -0.92 6.49 3.08
N ASN A 100 -2.10 5.88 2.94
CA ASN A 100 -3.18 6.30 2.05
C ASN A 100 -2.81 6.14 0.57
N THR A 101 -1.70 5.46 0.28
CA THR A 101 -1.22 5.29 -1.08
C THR A 101 -1.25 3.80 -1.40
N ARG A 102 -1.97 3.43 -2.45
CA ARG A 102 -2.04 2.03 -2.87
C ARG A 102 -0.86 1.75 -3.78
N LEU A 103 0.06 0.92 -3.29
CA LEU A 103 1.20 0.45 -4.08
C LEU A 103 0.81 -0.82 -4.84
N PHE A 104 1.19 -0.86 -6.11
CA PHE A 104 0.87 -1.98 -6.98
C PHE A 104 2.08 -2.87 -7.14
N THR A 105 1.89 -4.19 -7.06
CA THR A 105 3.02 -5.11 -7.05
C THR A 105 3.71 -5.13 -8.41
N VAL A 106 5.03 -5.07 -8.38
CA VAL A 106 5.80 -5.54 -9.53
C VAL A 106 5.78 -7.06 -9.41
N PRO A 107 5.20 -7.78 -10.36
CA PRO A 107 4.95 -9.21 -10.15
C PRO A 107 6.22 -10.03 -10.07
N TRP A 108 6.18 -11.09 -9.26
CA TRP A 108 7.26 -12.07 -9.24
C TRP A 108 6.75 -13.41 -9.77
N PRO A 109 7.65 -14.27 -10.28
CA PRO A 109 7.16 -15.47 -10.98
C PRO A 109 6.50 -16.49 -10.08
N VAL A 110 5.28 -16.18 -9.62
CA VAL A 110 4.53 -17.15 -8.84
C VAL A 110 4.15 -18.34 -9.72
N LYS A 111 3.83 -19.45 -9.06
CA LYS A 111 3.58 -20.71 -9.76
C LYS A 111 2.38 -20.60 -10.70
N GLY A 112 2.56 -21.08 -11.93
CA GLY A 112 1.47 -21.10 -12.90
C GLY A 112 0.90 -19.73 -13.22
N SER A 113 1.70 -18.69 -13.07
CA SER A 113 1.26 -17.31 -13.32
C SER A 113 2.33 -16.56 -14.10
N ASN A 114 2.87 -17.20 -15.15
CA ASN A 114 4.01 -16.64 -15.85
C ASN A 114 3.68 -15.28 -16.48
N ILE A 115 4.61 -14.34 -16.31
CA ILE A 115 4.41 -12.94 -16.63
C ILE A 115 5.14 -12.64 -17.94
N LYS A 116 4.70 -11.68 -18.71
CA LYS A 116 5.48 -11.27 -19.86
C LYS A 116 6.76 -10.62 -19.38
N HIS A 117 6.82 -10.28 -18.10
CA HIS A 117 7.94 -9.64 -17.37
C HIS A 117 8.23 -8.15 -17.60
N THR A 118 9.40 -7.74 -17.18
CA THR A 118 9.82 -6.36 -17.35
C THR A 118 11.08 -6.45 -18.15
N GLU A 119 12.09 -5.68 -17.77
CA GLU A 119 13.39 -5.77 -18.39
C GLU A 119 14.03 -7.01 -17.80
N ALA A 120 14.87 -7.67 -18.56
CA ALA A 120 15.46 -8.91 -18.12
C ALA A 120 16.16 -8.88 -16.81
N GLU A 121 16.95 -7.85 -16.55
CA GLU A 121 17.58 -7.84 -15.24
C GLU A 121 16.56 -7.67 -14.12
N ILE A 122 15.55 -6.83 -14.34
CA ILE A 122 14.56 -6.55 -13.30
C ILE A 122 13.77 -7.82 -12.97
N ALA A 123 13.50 -8.65 -13.99
CA ALA A 123 12.78 -9.90 -13.75
C ALA A 123 13.59 -10.83 -12.86
N ALA A 124 14.91 -10.85 -13.02
CA ALA A 124 15.75 -11.69 -12.17
C ALA A 124 15.64 -11.29 -10.71
N ALA A 125 15.63 -9.99 -10.43
CA ALA A 125 15.53 -9.53 -9.05
C ALA A 125 14.19 -9.95 -8.44
N CYS A 126 13.09 -9.78 -9.18
CA CYS A 126 11.80 -10.17 -8.66
C CYS A 126 11.76 -11.66 -8.33
N GLU A 127 12.33 -12.48 -9.21
CA GLU A 127 12.44 -13.90 -8.90
C GLU A 127 13.31 -14.11 -7.67
N THR A 128 14.40 -13.33 -7.55
CA THR A 128 15.28 -13.46 -6.41
C THR A 128 14.54 -13.17 -5.10
N PHE A 129 13.80 -12.06 -5.06
CA PHE A 129 13.04 -11.77 -3.84
C PHE A 129 11.90 -12.74 -3.63
N LEU A 130 11.40 -13.38 -4.68
CA LEU A 130 10.52 -14.52 -4.48
C LEU A 130 11.25 -15.67 -3.81
N LYS A 131 12.49 -15.93 -4.24
CA LYS A 131 13.30 -16.96 -3.61
C LYS A 131 13.57 -16.61 -2.15
N LEU A 132 13.93 -15.35 -1.88
CA LEU A 132 14.10 -14.92 -0.50
C LEU A 132 12.80 -15.06 0.27
N ASN A 133 11.67 -14.75 -0.37
CA ASN A 133 10.37 -14.89 0.28
C ASN A 133 10.12 -16.32 0.72
N ASP A 134 10.47 -17.30 -0.12
CA ASP A 134 10.29 -18.69 0.25
C ASP A 134 11.12 -19.05 1.47
N TYR A 135 12.37 -18.59 1.53
CA TYR A 135 13.23 -18.92 2.66
C TYR A 135 12.72 -18.30 3.95
N LEU A 136 12.35 -17.01 3.91
CA LEU A 136 11.88 -16.35 5.11
C LEU A 136 10.61 -16.99 5.64
N GLN A 137 9.72 -17.44 4.74
CA GLN A 137 8.50 -18.11 5.18
C GLN A 137 8.81 -19.37 5.95
N ILE A 138 9.79 -20.15 5.48
CA ILE A 138 10.18 -21.38 6.17
C ILE A 138 10.72 -21.07 7.56
N GLU A 139 11.58 -20.06 7.67
CA GLU A 139 12.09 -19.67 8.97
C GLU A 139 10.96 -19.18 9.88
N THR A 140 10.03 -18.40 9.32
CA THR A 140 8.93 -17.88 10.13
C THR A 140 8.07 -19.01 10.67
N ILE A 141 7.75 -19.99 9.84
CA ILE A 141 6.92 -21.10 10.29
C ILE A 141 7.59 -21.85 11.43
N GLN A 142 8.89 -22.13 11.30
CA GLN A 142 9.62 -22.79 12.37
C GLN A 142 9.61 -21.95 13.64
N ALA A 143 9.80 -20.64 13.50
CA ALA A 143 9.78 -19.75 14.66
C ALA A 143 8.41 -19.76 15.33
N LEU A 144 7.34 -19.73 14.53
CA LEU A 144 5.99 -19.74 15.10
C LEU A 144 5.70 -21.08 15.79
N GLU A 145 6.19 -22.18 15.22
CA GLU A 145 6.02 -23.47 15.87
C GLU A 145 6.75 -23.52 17.20
N GLU A 146 7.98 -23.00 17.24
CA GLU A 146 8.72 -22.94 18.49
C GLU A 146 8.03 -22.02 19.50
N LEU A 147 7.50 -20.90 19.03
CA LEU A 147 6.79 -19.99 19.93
C LEU A 147 5.57 -20.66 20.55
N ALA A 148 4.81 -21.41 19.75
CA ALA A 148 3.62 -22.08 20.26
C ALA A 148 3.99 -23.21 21.22
N ALA A 149 5.08 -23.93 20.93
CA ALA A 149 5.51 -25.02 21.80
C ALA A 149 5.92 -24.50 23.17
N LYS A 150 6.63 -23.38 23.22
CA LYS A 150 7.03 -22.78 24.49
C LYS A 150 5.81 -22.38 25.31
N GLU A 151 4.82 -21.75 24.66
CA GLU A 151 3.61 -21.36 25.36
C GLU A 151 2.83 -22.58 25.86
N LYS A 152 2.78 -23.64 25.05
CA LYS A 152 2.09 -24.86 25.47
C LYS A 152 2.75 -25.46 26.70
N ALA A 153 4.08 -25.42 26.76
CA ALA A 153 4.79 -25.95 27.92
C ALA A 153 4.44 -25.19 29.19
N ASN A 154 4.38 -23.86 29.11
CA ASN A 154 4.02 -23.04 30.27
C ASN A 154 2.50 -22.92 30.38
N ASP A 179 -4.38 -23.51 15.79
CA ASP A 179 -4.27 -24.59 14.82
C ASP A 179 -3.10 -24.36 13.88
N GLU A 180 -2.60 -25.45 13.28
CA GLU A 180 -1.50 -25.36 12.34
C GLU A 180 -1.88 -24.63 11.06
N VAL A 181 -3.17 -24.58 10.73
CA VAL A 181 -3.62 -23.82 9.56
C VAL A 181 -3.40 -22.33 9.76
N ASP A 182 -3.57 -21.85 11.00
CA ASP A 182 -3.34 -20.43 11.28
C ASP A 182 -1.87 -20.07 11.07
N ILE A 183 -0.96 -20.95 11.50
CA ILE A 183 0.46 -20.64 11.43
C ILE A 183 0.90 -20.48 9.98
N LYS A 184 0.45 -21.37 9.10
CA LYS A 184 0.80 -21.25 7.68
C LYS A 184 0.24 -19.97 7.07
N SER A 185 -0.99 -19.62 7.41
CA SER A 185 -1.61 -18.42 6.84
C SER A 185 -0.94 -17.16 7.35
N ARG A 186 -0.54 -17.15 8.62
CA ARG A 186 0.11 -15.97 9.19
C ARG A 186 1.55 -15.80 8.71
N ALA A 187 2.13 -16.81 8.07
CA ALA A 187 3.45 -16.71 7.48
C ALA A 187 3.42 -16.72 5.95
N ALA A 188 2.24 -16.73 5.33
CA ALA A 188 2.11 -16.80 3.88
C ALA A 188 2.29 -15.40 3.29
N TYR A 189 3.54 -14.98 3.19
CA TYR A 189 3.84 -13.65 2.65
C TYR A 189 3.42 -13.55 1.20
N ASN A 190 2.64 -12.51 0.87
CA ASN A 190 2.20 -12.29 -0.49
C ASN A 190 2.90 -11.14 -1.19
N VAL A 191 3.50 -10.21 -0.44
CA VAL A 191 4.22 -9.07 -0.99
C VAL A 191 5.46 -8.81 -0.15
N THR A 192 6.44 -8.16 -0.77
CA THR A 192 7.58 -7.62 -0.05
C THR A 192 7.75 -6.15 -0.43
N LEU A 193 8.07 -5.33 0.56
CA LEU A 193 8.28 -3.90 0.37
C LEU A 193 9.76 -3.62 0.55
N LEU A 194 10.42 -3.21 -0.52
CA LEU A 194 11.85 -2.91 -0.51
C LEU A 194 12.05 -1.43 -0.24
N ASN A 195 13.01 -1.08 0.59
CA ASN A 195 13.29 0.31 0.81
C ASN A 195 14.74 0.58 0.72
N PHE A 196 15.08 1.77 0.29
CA PHE A 196 16.45 2.27 0.21
C PHE A 196 16.49 3.71 0.69
N MET A 197 17.51 4.03 1.46
CA MET A 197 17.79 5.42 1.84
C MET A 197 19.28 5.60 2.02
N ASP A 198 19.80 6.73 1.53
CA ASP A 198 21.18 7.12 1.76
C ASP A 198 21.20 8.26 2.77
N PRO A 199 21.59 8.02 4.01
CA PRO A 199 21.57 9.10 5.01
C PRO A 199 22.42 10.30 4.63
N GLN A 200 23.49 10.08 3.87
CA GLN A 200 24.31 11.18 3.39
C GLN A 200 23.57 12.07 2.40
N LYS A 201 22.45 11.64 1.85
CA LYS A 201 21.75 12.53 0.96
C LYS A 201 20.57 13.23 1.61
N MET A 202 20.41 13.15 2.93
CA MET A 202 19.24 13.78 3.55
C MET A 202 19.51 14.65 4.78
N PRO A 203 19.58 15.98 4.59
CA PRO A 203 19.85 17.11 5.47
C PRO A 203 19.81 16.84 6.95
N LEU A 205 17.98 14.75 9.74
CA LEU A 205 17.12 13.64 10.06
C LEU A 205 16.51 13.89 11.38
N LYS A 206 15.33 13.38 11.59
CA LYS A 206 14.69 13.59 12.84
C LYS A 206 15.32 12.82 13.93
N GLU A 207 15.47 13.44 15.05
CA GLU A 207 15.97 12.75 16.24
C GLU A 207 14.88 11.87 16.83
N GLU A 208 15.30 10.74 17.40
CA GLU A 208 14.36 9.89 18.11
C GLU A 208 13.93 10.59 19.40
N PRO A 209 12.62 10.71 19.66
CA PRO A 209 12.14 11.62 20.70
C PRO A 209 12.01 11.06 22.10
N TYR A 210 12.05 9.75 22.32
CA TYR A 210 11.67 9.17 23.61
C TYR A 210 12.82 8.52 24.36
N PHE A 211 13.73 7.82 23.67
CA PHE A 211 14.77 7.06 24.35
C PHE A 211 16.18 7.51 23.96
N GLY A 212 16.32 8.64 23.28
CA GLY A 212 17.62 9.10 22.86
C GLY A 212 18.31 8.18 21.89
N MET A 213 17.55 7.50 21.03
CA MET A 213 18.15 6.58 20.07
C MET A 213 18.81 7.31 18.91
N GLY A 214 18.65 8.63 18.81
CA GLY A 214 19.35 9.38 17.79
C GLY A 214 18.58 9.50 16.49
N LYS A 215 19.29 9.59 15.38
CA LYS A 215 18.67 9.84 14.10
C LYS A 215 17.77 8.68 13.68
N MET A 216 16.62 9.02 13.10
CA MET A 216 15.62 8.06 12.65
C MET A 216 15.46 8.14 11.14
N ALA A 217 15.45 6.99 10.48
CA ALA A 217 15.04 6.92 9.09
C ALA A 217 13.53 6.73 8.94
N VAL A 218 12.91 6.01 9.88
CA VAL A 218 11.46 5.84 9.94
C VAL A 218 11.03 6.05 11.38
N SER A 219 9.96 6.81 11.59
CA SER A 219 9.48 7.10 12.93
CA SER A 219 9.50 7.10 12.95
C SER A 219 8.75 5.91 13.53
N TRP A 220 8.42 6.01 14.82
CA TRP A 220 7.67 4.96 15.49
C TRP A 220 6.31 4.76 14.82
N HIS A 221 5.97 3.50 14.54
CA HIS A 221 4.73 3.20 13.84
C HIS A 221 4.46 1.70 13.96
N HIS A 222 3.27 1.31 13.54
CA HIS A 222 2.92 -0.08 13.29
C HIS A 222 2.89 -0.31 11.78
N ASP A 223 3.20 -1.54 11.37
CA ASP A 223 2.97 -1.93 9.98
C ASP A 223 1.48 -2.21 9.82
N GLU A 224 0.81 -1.40 9.01
CA GLU A 224 -0.64 -1.43 8.94
C GLU A 224 -1.11 -2.23 7.72
N ASN A 225 -2.43 -2.42 7.65
CA ASN A 225 -3.10 -3.09 6.52
C ASN A 225 -2.55 -4.49 6.29
N LEU A 226 -2.31 -5.21 7.38
CA LEU A 226 -1.84 -6.58 7.32
C LEU A 226 -2.86 -7.51 7.93
N VAL A 227 -2.80 -8.78 7.52
CA VAL A 227 -3.68 -9.80 8.08
C VAL A 227 -3.45 -9.86 9.59
N ASP A 228 -4.53 -10.14 10.33
CA ASP A 228 -4.48 -10.12 11.78
C ASP A 228 -3.43 -11.11 12.29
N ARG A 229 -2.57 -10.63 13.19
CA ARG A 229 -1.52 -11.42 13.83
C ARG A 229 -0.56 -12.06 12.83
N SER A 230 -0.44 -11.49 11.64
CA SER A 230 0.46 -12.03 10.64
C SER A 230 1.90 -11.61 10.94
N ALA A 231 2.83 -12.50 10.65
CA ALA A 231 4.23 -12.22 10.89
C ALA A 231 4.79 -11.29 9.81
N VAL A 232 5.87 -10.58 10.16
CA VAL A 232 6.60 -9.73 9.24
C VAL A 232 8.07 -10.13 9.29
N ALA A 233 8.66 -10.39 8.13
CA ALA A 233 10.06 -10.78 8.02
C ALA A 233 10.84 -9.72 7.26
N VAL A 234 11.99 -9.31 7.80
CA VAL A 234 12.79 -8.23 7.22
C VAL A 234 14.20 -8.74 6.95
N TYR A 235 14.72 -8.44 5.77
CA TYR A 235 16.11 -8.68 5.41
C TYR A 235 16.81 -7.35 5.35
N SER A 236 17.84 -7.16 6.19
CA SER A 236 18.54 -5.89 6.26
C SER A 236 19.86 -6.00 5.52
N TYR A 237 20.09 -5.07 4.60
CA TYR A 237 21.31 -5.02 3.81
C TYR A 237 21.97 -3.66 4.05
N SER A 238 22.79 -3.59 5.09
CA SER A 238 23.60 -2.41 5.29
C SER A 238 24.76 -2.41 4.30
N CYS A 239 25.37 -1.24 4.12
CA CYS A 239 26.48 -1.08 3.20
C CYS A 239 27.74 -0.78 3.99
N GLU A 240 28.80 -1.55 3.72
CA GLU A 240 30.11 -1.38 4.37
C GLU A 240 30.01 -1.35 5.89
N LEU A 252 31.52 5.54 24.80
CA LEU A 252 30.29 5.79 24.04
C LEU A 252 29.07 5.17 24.74
N GLU A 253 28.29 6.02 25.40
CA GLU A 253 27.12 5.57 26.16
C GLU A 253 25.90 5.65 25.25
N GLY A 254 25.49 4.52 24.70
CA GLY A 254 24.35 4.46 23.84
C GLY A 254 24.62 3.60 22.62
N ARG A 255 23.75 3.69 21.63
CA ARG A 255 23.90 2.91 20.42
C ARG A 255 24.90 3.58 19.47
N ASP A 256 25.51 2.77 18.62
CA ASP A 256 26.47 3.25 17.63
C ASP A 256 25.75 4.05 16.55
N PRO A 257 26.08 5.33 16.36
CA PRO A 257 25.36 6.12 15.35
C PRO A 257 25.63 5.69 13.93
N ASP A 258 26.78 5.07 13.65
CA ASP A 258 27.12 4.68 12.28
C ASP A 258 26.47 3.36 11.85
N ILE A 259 25.96 2.58 12.80
CA ILE A 259 25.37 1.27 12.51
C ILE A 259 23.85 1.41 12.45
N TRP A 260 23.23 0.72 11.51
CA TRP A 260 21.78 0.73 11.41
C TRP A 260 21.17 -0.12 12.51
N HIS A 261 20.10 0.40 13.11
CA HIS A 261 19.37 -0.28 14.17
C HIS A 261 17.88 -0.24 13.88
N VAL A 262 17.17 -1.25 14.37
CA VAL A 262 15.71 -1.22 14.43
C VAL A 262 15.31 -1.01 15.89
N GLY A 263 14.47 0.00 16.13
CA GLY A 263 14.01 0.27 17.47
C GLY A 263 12.73 -0.47 17.81
N PHE A 264 12.48 -0.63 19.11
CA PHE A 264 11.27 -1.30 19.55
C PHE A 264 10.80 -0.70 20.86
N LYS A 265 9.48 -0.54 20.98
CA LYS A 265 8.88 -0.02 22.19
C LYS A 265 7.48 -0.60 22.32
N ILE A 266 6.99 -0.63 23.55
CA ILE A 266 5.62 -0.99 23.81
C ILE A 266 4.73 0.20 23.49
N SER A 267 3.55 -0.06 22.95
CA SER A 267 2.60 1.00 22.65
C SER A 267 2.25 1.76 23.93
N TRP A 268 2.02 3.07 23.77
CA TRP A 268 1.66 3.98 24.85
C TRP A 268 2.70 4.07 25.95
N ASP A 269 3.89 3.47 25.75
CA ASP A 269 4.85 3.25 26.83
C ASP A 269 6.22 3.76 26.44
N ILE A 270 6.62 4.88 27.02
CA ILE A 270 8.00 5.35 26.95
C ILE A 270 8.71 5.29 28.30
N GLU A 271 8.08 4.72 29.32
CA GLU A 271 8.78 4.47 30.58
C GLU A 271 9.56 3.17 30.54
N THR A 272 9.02 2.15 29.88
CA THR A 272 9.79 0.93 29.63
C THR A 272 10.91 1.25 28.65
N PRO A 273 12.16 0.94 28.99
CA PRO A 273 13.26 1.22 28.05
C PRO A 273 13.06 0.50 26.72
N GLY A 274 13.35 1.22 25.64
CA GLY A 274 13.25 0.64 24.31
C GLY A 274 14.44 -0.20 23.95
N LEU A 275 14.28 -1.02 22.91
CA LEU A 275 15.36 -1.85 22.40
C LEU A 275 15.85 -1.31 21.09
N ALA A 276 17.17 -1.13 20.98
CA ALA A 276 17.83 -0.76 19.74
C ALA A 276 18.64 -1.96 19.29
N ILE A 277 18.23 -2.57 18.17
CA ILE A 277 18.82 -3.82 17.69
C ILE A 277 19.74 -3.50 16.52
N PRO A 278 21.06 -3.63 16.67
CA PRO A 278 21.96 -3.33 15.54
C PRO A 278 21.75 -4.30 14.39
N LEU A 279 21.84 -3.77 13.18
CA LEU A 279 21.64 -4.55 11.96
C LEU A 279 22.87 -4.43 11.08
N HIS A 280 23.41 -5.56 10.67
CA HIS A 280 24.56 -5.63 9.79
C HIS A 280 24.11 -6.17 8.43
N GLN A 281 25.08 -6.42 7.55
CA GLN A 281 24.78 -7.02 6.26
C GLN A 281 24.10 -8.38 6.45
N GLY A 282 22.99 -8.57 5.75
CA GLY A 282 22.33 -9.86 5.77
C GLY A 282 21.66 -10.25 7.07
N ASP A 283 21.52 -9.32 8.01
CA ASP A 283 20.78 -9.62 9.22
C ASP A 283 19.28 -9.67 8.92
N CYS A 284 18.59 -10.60 9.58
CA CYS A 284 17.15 -10.74 9.44
C CYS A 284 16.49 -10.73 10.80
N TYR A 285 15.36 -10.04 10.90
CA TYR A 285 14.55 -10.08 12.11
C TYR A 285 13.09 -10.31 11.75
N PHE A 286 12.35 -10.84 12.72
CA PHE A 286 10.99 -11.30 12.50
C PHE A 286 10.08 -10.74 13.59
N MET A 287 8.96 -10.16 13.19
CA MET A 287 7.93 -9.71 14.12
C MET A 287 6.87 -10.80 14.16
N LEU A 288 6.89 -11.59 15.23
CA LEU A 288 5.99 -12.73 15.37
C LEU A 288 4.60 -12.29 15.82
N ASP A 289 3.83 -13.24 16.33
CA ASP A 289 2.38 -13.29 16.31
C ASP A 289 1.70 -11.93 16.46
N ASP A 290 1.77 -11.31 17.64
CA ASP A 290 1.09 -10.03 17.81
C ASP A 290 2.06 -8.91 18.21
N LEU A 291 3.36 -9.10 17.95
CA LEU A 291 4.34 -8.07 18.27
C LEU A 291 4.04 -6.78 17.53
N ASN A 292 3.63 -6.88 16.25
CA ASN A 292 3.39 -5.68 15.47
C ASN A 292 2.23 -4.86 16.02
N ALA A 293 1.27 -5.51 16.68
CA ALA A 293 0.14 -4.78 17.24
C ALA A 293 0.46 -4.21 18.61
N THR A 294 1.13 -4.99 19.46
CA THR A 294 1.39 -4.53 20.82
C THR A 294 2.54 -3.55 20.89
N HIS A 295 3.49 -3.66 19.98
CA HIS A 295 4.69 -2.85 20.01
C HIS A 295 4.76 -1.95 18.78
N GLN A 296 5.45 -0.82 18.95
CA GLN A 296 5.84 0.03 17.84
C GLN A 296 7.30 -0.26 17.48
N HIS A 297 7.65 0.02 16.24
CA HIS A 297 9.04 -0.12 15.82
C HIS A 297 9.43 1.10 14.98
N CYS A 298 10.72 1.42 15.01
CA CYS A 298 11.28 2.48 14.18
C CYS A 298 12.59 1.99 13.57
N VAL A 299 13.12 2.79 12.65
CA VAL A 299 14.39 2.50 11.99
C VAL A 299 15.37 3.60 12.34
N LEU A 300 16.55 3.22 12.83
CA LEU A 300 17.57 4.17 13.24
C LEU A 300 18.67 4.21 12.18
N ALA A 301 18.87 5.39 11.58
CA ALA A 301 19.78 5.51 10.46
C ALA A 301 21.22 5.31 10.92
N GLY A 302 22.02 4.68 10.06
CA GLY A 302 23.44 4.57 10.24
C GLY A 302 24.16 5.69 9.51
N SER A 303 25.39 5.41 9.09
CA SER A 303 26.16 6.39 8.34
C SER A 303 26.19 6.09 6.85
N GLN A 304 26.05 4.83 6.46
CA GLN A 304 26.13 4.39 5.08
C GLN A 304 24.73 4.06 4.55
N PRO A 305 24.57 3.97 3.23
CA PRO A 305 23.27 3.54 2.68
C PRO A 305 22.88 2.16 3.21
N ARG A 306 21.62 1.81 2.98
CA ARG A 306 21.10 0.53 3.46
C ARG A 306 19.84 0.14 2.71
N PHE A 307 19.77 -1.11 2.26
CA PHE A 307 18.58 -1.69 1.67
C PHE A 307 17.85 -2.54 2.71
N SER A 308 16.58 -2.82 2.44
CA SER A 308 15.79 -3.70 3.30
C SER A 308 14.63 -4.26 2.50
N SER A 309 14.30 -5.54 2.75
CA SER A 309 13.16 -6.21 2.13
C SER A 309 12.23 -6.68 3.25
N THR A 310 11.08 -6.02 3.39
CA THR A 310 10.13 -6.35 4.47
C THR A 310 8.97 -7.15 3.88
N HIS A 311 8.87 -8.42 4.26
CA HIS A 311 7.88 -9.34 3.72
C HIS A 311 6.65 -9.37 4.62
N ARG A 312 5.47 -9.29 4.01
CA ARG A 312 4.24 -9.10 4.76
C ARG A 312 3.16 -10.03 4.21
N VAL A 313 2.19 -10.32 5.07
CA VAL A 313 0.92 -10.90 4.64
C VAL A 313 -0.05 -9.72 4.55
N ALA A 314 -0.10 -9.10 3.38
CA ALA A 314 -0.99 -7.97 3.17
C ALA A 314 -2.44 -8.41 3.21
N GLU A 315 -3.27 -7.62 3.87
CA GLU A 315 -4.71 -7.85 3.90
C GLU A 315 -5.27 -7.29 2.58
N CYS A 316 -5.72 -8.18 1.71
CA CYS A 316 -6.05 -7.77 0.35
C CYS A 316 -7.45 -8.21 -0.06
N SER A 317 -8.37 -8.31 0.90
CA SER A 317 -9.73 -8.71 0.58
C SER A 317 -10.40 -7.73 -0.37
N THR A 318 -10.01 -6.47 -0.31
CA THR A 318 -10.50 -5.47 -1.25
C THR A 318 -9.35 -4.83 -2.02
N GLY A 319 -8.27 -5.58 -2.23
CA GLY A 319 -7.08 -4.99 -2.82
C GLY A 319 -6.42 -5.83 -3.89
N THR A 320 -7.19 -6.62 -4.62
CA THR A 320 -6.65 -7.37 -5.76
C THR A 320 -7.37 -6.99 -7.04
N LEU A 321 -6.69 -7.27 -8.16
CA LEU A 321 -7.29 -7.01 -9.47
C LEU A 321 -8.53 -7.88 -9.69
N ASP A 322 -8.48 -9.15 -9.28
CA ASP A 322 -9.64 -10.01 -9.41
C ASP A 322 -10.81 -9.49 -8.58
N TYR A 323 -10.53 -8.95 -7.39
CA TYR A 323 -11.59 -8.41 -6.56
C TYR A 323 -12.26 -7.20 -7.22
N ILE A 324 -11.44 -6.27 -7.74
CA ILE A 324 -12.00 -5.04 -8.26
C ILE A 324 -12.68 -5.27 -9.60
N LEU A 325 -12.16 -6.18 -10.42
CA LEU A 325 -12.85 -6.54 -11.65
C LEU A 325 -14.21 -7.16 -11.35
N GLN A 326 -14.29 -8.03 -10.34
CA GLN A 326 -15.57 -8.61 -9.99
C GLN A 326 -16.54 -7.54 -9.52
N ARG A 327 -16.06 -6.58 -8.74
CA ARG A 327 -16.90 -5.45 -8.34
C ARG A 327 -17.42 -4.69 -9.55
N CYS A 328 -16.57 -4.47 -10.54
CA CYS A 328 -17.00 -3.75 -11.73
C CYS A 328 -18.09 -4.52 -12.46
N GLN A 329 -17.95 -5.84 -12.58
CA GLN A 329 -18.98 -6.65 -13.25
C GLN A 329 -20.28 -6.67 -12.47
N LEU A 330 -20.22 -6.55 -11.14
CA LEU A 330 -21.46 -6.47 -10.35
C LEU A 330 -22.22 -5.20 -10.68
N ALA A 331 -21.51 -4.08 -10.81
CA ALA A 331 -22.16 -2.83 -11.17
C ALA A 331 -22.81 -2.92 -12.55
N LEU A 332 -22.13 -3.55 -13.50
CA LEU A 332 -22.59 -3.58 -14.88
C LEU A 332 -23.65 -4.63 -15.14
N GLN A 333 -24.02 -5.42 -14.13
CA GLN A 333 -25.19 -6.27 -14.25
C GLN A 333 -26.47 -5.46 -14.43
N ASN A 334 -26.47 -4.20 -13.99
CA ASN A 334 -27.63 -3.34 -14.11
C ASN A 334 -27.70 -2.63 -15.45
N VAL A 335 -26.89 -3.04 -16.42
CA VAL A 335 -26.81 -2.40 -17.73
C VAL A 335 -27.11 -3.43 -18.80
N CYS A 336 -27.94 -3.05 -19.76
N CYS A 336 -27.95 -3.06 -19.76
CA CYS A 336 -28.17 -3.90 -20.93
CA CYS A 336 -28.17 -3.89 -20.94
C CYS A 336 -26.89 -3.97 -21.75
C CYS A 336 -26.88 -3.97 -21.73
N ASP A 337 -26.26 -5.15 -21.78
CA ASP A 337 -24.91 -5.32 -22.32
C ASP A 337 -24.90 -5.93 -23.71
N ASP A 338 -25.88 -5.63 -24.57
CA ASP A 338 -25.81 -6.14 -25.93
C ASP A 338 -24.66 -5.50 -26.71
N VAL A 339 -24.53 -4.18 -26.61
CA VAL A 339 -23.51 -3.43 -27.34
C VAL A 339 -22.91 -2.38 -26.42
N ASP A 340 -21.65 -2.05 -26.66
CA ASP A 340 -20.95 -1.00 -25.93
C ASP A 340 -21.05 0.29 -26.73
N ASN A 341 -22.16 1.00 -26.54
CA ASN A 341 -22.35 2.31 -27.14
C ASN A 341 -22.64 3.32 -26.04
N ASP A 342 -23.02 4.53 -26.45
CA ASP A 342 -23.30 5.60 -25.51
C ASP A 342 -24.74 5.59 -25.00
N ASP A 343 -25.62 4.77 -25.59
CA ASP A 343 -27.01 4.69 -25.13
C ASP A 343 -27.10 3.66 -24.02
N VAL A 344 -26.69 4.08 -22.82
CA VAL A 344 -26.69 3.22 -21.65
C VAL A 344 -28.10 3.13 -21.11
N SER A 345 -28.67 1.93 -21.11
CA SER A 345 -30.00 1.68 -20.56
C SER A 345 -29.87 0.77 -19.34
N LEU A 346 -30.47 1.20 -18.24
CA LEU A 346 -30.38 0.46 -16.99
C LEU A 346 -31.54 -0.52 -16.84
N LYS A 347 -31.24 -1.71 -16.32
CA LYS A 347 -32.28 -2.70 -16.09
C LYS A 347 -33.20 -2.29 -14.95
N SER A 348 -32.64 -1.80 -13.85
CA SER A 348 -33.40 -1.45 -12.66
C SER A 348 -33.05 -0.05 -12.19
N PHE A 349 -34.05 0.68 -11.72
CA PHE A 349 -33.84 1.96 -11.04
C PHE A 349 -34.15 1.87 -9.55
N GLU A 350 -34.13 0.67 -9.00
CA GLU A 350 -34.33 0.51 -7.56
C GLU A 350 -33.25 1.27 -6.82
N PRO A 351 -33.61 2.00 -5.75
CA PRO A 351 -32.57 2.78 -5.04
C PRO A 351 -31.42 1.93 -4.53
N ALA A 352 -31.70 0.72 -4.04
CA ALA A 352 -30.62 -0.11 -3.49
C ALA A 352 -29.60 -0.47 -4.56
N VAL A 353 -30.06 -0.87 -5.74
CA VAL A 353 -29.16 -1.23 -6.83
C VAL A 353 -28.40 0.00 -7.31
N LEU A 354 -29.08 1.14 -7.43
CA LEU A 354 -28.42 2.36 -7.87
C LEU A 354 -27.34 2.79 -6.89
N LYS A 355 -27.63 2.69 -5.59
CA LYS A 355 -26.64 3.08 -4.59
C LYS A 355 -25.40 2.20 -4.68
N GLN A 356 -25.59 0.89 -4.82
CA GLN A 356 -24.45 -0.03 -4.95
C GLN A 356 -23.64 0.29 -6.19
N GLY A 357 -24.30 0.64 -7.30
CA GLY A 357 -23.58 0.95 -8.52
C GLY A 357 -22.71 2.18 -8.39
N GLU A 358 -23.27 3.26 -7.83
CA GLU A 358 -22.52 4.50 -7.70
C GLU A 358 -21.40 4.39 -6.66
N GLU A 359 -21.56 3.50 -5.68
CA GLU A 359 -20.46 3.25 -4.76
C GLU A 359 -19.30 2.54 -5.46
N ILE A 360 -19.60 1.52 -6.27
CA ILE A 360 -18.57 0.84 -7.04
C ILE A 360 -17.93 1.80 -8.03
N HIS A 361 -18.71 2.75 -8.56
CA HIS A 361 -18.18 3.80 -9.42
C HIS A 361 -17.05 4.56 -8.73
N ASN A 362 -17.25 4.92 -7.46
CA ASN A 362 -16.20 5.63 -6.71
C ASN A 362 -15.00 4.72 -6.45
N GLU A 363 -15.25 3.46 -6.10
CA GLU A 363 -14.16 2.57 -5.67
C GLU A 363 -13.13 2.38 -6.78
N VAL A 364 -13.58 2.14 -8.01
CA VAL A 364 -12.65 1.92 -9.10
C VAL A 364 -11.95 3.22 -9.48
N GLU A 365 -12.67 4.34 -9.43
CA GLU A 365 -12.06 5.61 -9.82
C GLU A 365 -10.99 6.03 -8.82
N PHE A 366 -11.31 6.03 -7.52
CA PHE A 366 -10.43 6.65 -6.54
C PHE A 366 -9.44 5.68 -5.92
N GLU A 367 -9.86 4.44 -5.62
CA GLU A 367 -8.95 3.47 -5.04
C GLU A 367 -8.06 2.78 -6.06
N TRP A 368 -8.40 2.84 -7.34
CA TRP A 368 -7.61 2.13 -8.33
C TRP A 368 -7.07 3.01 -9.44
N LEU A 369 -7.94 3.74 -10.15
CA LEU A 369 -7.46 4.55 -11.27
C LEU A 369 -6.64 5.74 -10.79
N ARG A 370 -7.17 6.52 -9.84
CA ARG A 370 -6.44 7.72 -9.44
C ARG A 370 -5.23 7.38 -8.59
N GLN A 371 -5.31 6.31 -7.79
CA GLN A 371 -4.13 5.82 -7.08
C GLN A 371 -3.03 5.43 -8.05
N PHE A 372 -3.39 4.68 -9.09
CA PHE A 372 -2.39 4.19 -10.04
C PHE A 372 -1.77 5.34 -10.83
N TRP A 373 -2.59 6.28 -11.29
CA TRP A 373 -2.06 7.35 -12.11
C TRP A 373 -1.46 8.50 -11.32
N PHE A 374 -1.68 8.55 -10.00
CA PHE A 374 -0.98 9.56 -9.20
C PHE A 374 0.51 9.26 -9.11
N GLN A 375 0.88 7.99 -9.26
CA GLN A 375 2.28 7.61 -9.28
C GLN A 375 2.91 7.74 -10.67
N GLY A 376 2.11 8.06 -11.69
CA GLY A 376 2.63 8.35 -13.01
C GLY A 376 3.26 7.13 -13.68
N ASN A 377 4.22 7.41 -14.55
CA ASN A 377 4.97 6.35 -15.25
C ASN A 377 6.06 5.78 -14.34
N ARG A 378 5.63 5.31 -13.17
CA ARG A 378 6.53 4.66 -12.23
C ARG A 378 6.68 3.18 -12.55
N TYR A 379 5.57 2.47 -12.69
CA TYR A 379 5.63 1.03 -12.93
C TYR A 379 6.06 0.72 -14.36
N ARG A 380 5.80 1.62 -15.31
CA ARG A 380 6.23 1.40 -16.69
C ARG A 380 7.73 1.21 -16.78
N LYS A 381 8.49 1.84 -15.86
CA LYS A 381 9.92 1.60 -15.79
C LYS A 381 10.23 0.20 -15.26
N CYS A 382 9.31 -0.38 -14.48
CA CYS A 382 9.53 -1.66 -13.83
C CYS A 382 8.82 -2.82 -14.53
N THR A 383 7.57 -2.63 -14.95
CA THR A 383 6.82 -3.72 -15.59
C THR A 383 5.67 -3.13 -16.38
N ASP A 384 5.20 -3.89 -17.38
CA ASP A 384 4.02 -3.56 -18.14
C ASP A 384 2.79 -4.32 -17.66
N TRP A 385 2.87 -4.92 -16.47
CA TRP A 385 1.83 -5.83 -16.03
C TRP A 385 0.48 -5.14 -15.92
N TRP A 386 0.46 -3.94 -15.33
CA TRP A 386 -0.77 -3.25 -15.00
C TRP A 386 -1.33 -2.41 -16.15
N CYS A 387 -0.66 -2.37 -17.29
CA CYS A 387 -1.11 -1.50 -18.37
C CYS A 387 -2.47 -1.92 -18.90
N GLN A 388 -2.60 -3.19 -19.30
CA GLN A 388 -3.91 -3.67 -19.74
C GLN A 388 -4.95 -3.61 -18.63
N PRO A 389 -4.69 -4.09 -17.40
CA PRO A 389 -5.72 -3.98 -16.36
C PRO A 389 -6.20 -2.55 -16.13
N MET A 390 -5.28 -1.58 -16.10
CA MET A 390 -5.71 -0.19 -15.90
C MET A 390 -6.49 0.34 -17.09
N ALA A 391 -6.14 -0.10 -18.30
CA ALA A 391 -6.95 0.23 -19.46
C ALA A 391 -8.33 -0.40 -19.36
N GLN A 392 -8.40 -1.64 -18.86
CA GLN A 392 -9.69 -2.30 -18.73
C GLN A 392 -10.52 -1.66 -17.62
N LEU A 393 -9.88 -1.35 -16.49
CA LEU A 393 -10.58 -0.67 -15.41
C LEU A 393 -11.07 0.69 -15.85
N GLU A 394 -10.24 1.43 -16.59
CA GLU A 394 -10.65 2.73 -17.10
C GLU A 394 -11.82 2.58 -18.07
N ALA A 395 -11.80 1.53 -18.90
CA ALA A 395 -12.93 1.29 -19.79
C ALA A 395 -14.20 0.98 -19.01
N LEU A 396 -14.11 0.13 -17.99
CA LEU A 396 -15.28 -0.16 -17.16
C LEU A 396 -15.78 1.11 -16.47
N TRP A 397 -14.85 1.95 -15.99
CA TRP A 397 -15.23 3.19 -15.33
C TRP A 397 -15.98 4.12 -16.26
N LYS A 398 -15.54 4.23 -17.51
CA LYS A 398 -16.21 5.14 -18.45
C LYS A 398 -17.66 4.73 -18.67
N LYS A 399 -17.93 3.41 -18.72
CA LYS A 399 -19.31 2.96 -18.83
C LYS A 399 -20.14 3.39 -17.62
N MET A 400 -19.54 3.28 -16.43
CA MET A 400 -20.25 3.71 -15.22
C MET A 400 -20.54 5.21 -15.24
N GLU A 401 -19.69 6.00 -15.88
CA GLU A 401 -20.02 7.41 -16.09
C GLU A 401 -21.29 7.55 -16.90
N GLY A 402 -21.47 6.69 -17.92
CA GLY A 402 -22.73 6.65 -18.63
C GLY A 402 -23.89 6.17 -17.78
N VAL A 403 -23.64 5.26 -16.85
CA VAL A 403 -24.67 4.80 -15.93
C VAL A 403 -25.17 5.96 -15.08
N THR A 404 -24.23 6.72 -14.51
CA THR A 404 -24.61 7.88 -13.71
C THR A 404 -25.41 8.86 -14.54
N ASN A 405 -24.99 9.09 -15.78
CA ASN A 405 -25.76 9.95 -16.67
C ASN A 405 -27.15 9.39 -16.90
N ALA A 406 -27.25 8.07 -17.06
CA ALA A 406 -28.55 7.42 -17.20
C ALA A 406 -29.39 7.62 -15.94
N VAL A 407 -28.77 7.50 -14.76
CA VAL A 407 -29.51 7.68 -13.51
C VAL A 407 -30.02 9.10 -13.40
N LEU A 408 -29.17 10.07 -13.72
CA LEU A 408 -29.62 11.46 -13.67
C LEU A 408 -30.71 11.74 -14.70
N HIS A 409 -30.65 11.06 -15.85
CA HIS A 409 -31.70 11.21 -16.86
C HIS A 409 -33.03 10.69 -16.34
N GLU A 410 -33.03 9.54 -15.67
CA GLU A 410 -34.28 8.98 -15.15
C GLU A 410 -34.87 9.83 -14.05
N VAL A 411 -34.03 10.49 -13.25
CA VAL A 411 -34.51 11.34 -12.16
C VAL A 411 -35.35 12.49 -12.73
N LYS A 412 -34.95 13.03 -13.87
CA LYS A 412 -35.64 14.15 -14.49
C LYS A 412 -36.75 13.72 -15.44
N ARG A 413 -37.16 12.45 -15.39
CA ARG A 413 -38.22 11.95 -16.27
C ARG A 413 -39.56 12.56 -15.88
N GLU A 414 -40.40 12.78 -16.91
CA GLU A 414 -41.69 13.45 -16.68
C GLU A 414 -42.64 12.57 -15.88
N GLY A 415 -42.77 11.30 -16.27
CA GLY A 415 -43.73 10.42 -15.64
C GLY A 415 -43.23 9.68 -14.41
N LEU A 416 -42.29 10.28 -13.68
CA LEU A 416 -41.75 9.67 -12.47
C LEU A 416 -42.29 10.38 -11.25
N PRO A 417 -43.08 9.72 -10.40
CA PRO A 417 -43.63 10.40 -9.23
C PRO A 417 -42.54 10.90 -8.29
N VAL A 418 -42.84 11.98 -7.59
CA VAL A 418 -41.88 12.56 -6.66
C VAL A 418 -41.52 11.57 -5.55
N GLU A 419 -42.42 10.63 -5.25
CA GLU A 419 -42.11 9.58 -4.28
C GLU A 419 -40.92 8.75 -4.74
N GLN A 420 -40.95 8.27 -5.98
CA GLN A 420 -39.85 7.47 -6.48
C GLN A 420 -38.63 8.32 -6.81
N ARG A 421 -38.84 9.57 -7.20
CA ARG A 421 -37.72 10.45 -7.55
C ARG A 421 -36.86 10.75 -6.33
N ASN A 422 -37.49 11.13 -5.22
CA ASN A 422 -36.73 11.42 -4.01
C ASN A 422 -36.02 10.16 -3.50
N GLU A 423 -36.59 8.99 -3.72
CA GLU A 423 -35.94 7.75 -3.31
C GLU A 423 -34.62 7.57 -4.02
N ILE A 424 -34.58 7.83 -5.33
CA ILE A 424 -33.34 7.71 -6.10
C ILE A 424 -32.31 8.72 -5.59
N LEU A 425 -32.76 9.96 -5.33
CA LEU A 425 -31.84 10.98 -4.85
C LEU A 425 -31.22 10.59 -3.53
N THR A 426 -32.03 10.07 -2.60
CA THR A 426 -31.47 9.67 -1.31
C THR A 426 -30.46 8.54 -1.46
N ALA A 427 -30.61 7.71 -2.50
CA ALA A 427 -29.72 6.57 -2.67
C ALA A 427 -28.35 6.98 -3.20
N ILE A 428 -28.28 8.04 -4.01
CA ILE A 428 -27.06 8.37 -4.73
C ILE A 428 -26.43 9.67 -4.29
N LEU A 429 -27.11 10.47 -3.47
CA LEU A 429 -26.57 11.79 -3.11
C LEU A 429 -25.22 11.67 -2.40
N ALA A 430 -25.12 10.74 -1.44
CA ALA A 430 -23.85 10.58 -0.73
C ALA A 430 -22.74 10.13 -1.68
N SER A 431 -23.06 9.20 -2.60
CA SER A 431 -22.03 8.69 -3.50
C SER A 431 -21.52 9.76 -4.44
N LEU A 432 -22.38 10.62 -4.93
CA LEU A 432 -21.96 11.64 -5.87
C LEU A 432 -21.28 12.77 -5.18
N THR A 433 -21.66 13.02 -3.95
CA THR A 433 -20.99 14.07 -3.19
C THR A 433 -19.55 13.70 -2.88
N ALA A 434 -19.32 12.45 -2.47
CA ALA A 434 -17.95 12.01 -2.22
C ALA A 434 -17.13 12.06 -3.51
N ARG A 435 -17.74 11.69 -4.63
CA ARG A 435 -17.05 11.76 -5.92
C ARG A 435 -16.64 13.19 -6.25
N GLN A 436 -17.37 14.18 -5.72
CA GLN A 436 -17.03 15.58 -5.93
C GLN A 436 -15.88 16.01 -5.02
N ASN A 437 -15.96 15.66 -3.74
CA ASN A 437 -14.90 16.03 -2.82
C ASN A 437 -13.59 15.33 -3.18
N LEU A 438 -13.65 14.03 -3.47
CA LEU A 438 -12.44 13.28 -3.77
C LEU A 438 -11.79 13.77 -5.06
N ARG A 439 -12.59 14.11 -6.07
CA ARG A 439 -12.02 14.64 -7.31
C ARG A 439 -11.30 15.95 -7.04
N ARG A 440 -11.86 16.80 -6.18
CA ARG A 440 -11.17 18.03 -5.81
C ARG A 440 -9.87 17.73 -5.09
N GLU A 441 -9.88 16.75 -4.17
CA GLU A 441 -8.67 16.42 -3.44
C GLU A 441 -7.58 15.89 -4.37
N TRP A 442 -7.93 14.93 -5.23
CA TRP A 442 -6.93 14.38 -6.14
C TRP A 442 -6.45 15.43 -7.14
N HIS A 443 -7.35 16.26 -7.65
CA HIS A 443 -6.94 17.31 -8.58
C HIS A 443 -5.97 18.28 -7.91
N ALA A 444 -6.25 18.64 -6.66
CA ALA A 444 -5.36 19.53 -5.92
C ALA A 444 -4.02 18.86 -5.65
N ARG A 445 -4.04 17.56 -5.29
CA ARG A 445 -2.79 16.87 -4.98
C ARG A 445 -1.87 16.81 -6.19
N CYS A 446 -2.44 16.64 -7.38
CA CYS A 446 -1.64 16.58 -8.59
C CYS A 446 -0.99 17.90 -8.95
N GLN A 447 -1.44 19.01 -8.35
CA GLN A 447 -0.90 20.33 -8.65
C GLN A 447 -0.22 20.98 -7.46
N SER A 448 0.02 20.24 -6.39
CA SER A 448 0.69 20.80 -5.23
C SER A 448 2.13 21.17 -5.58
N ARG A 449 2.67 22.15 -4.87
CA ARG A 449 4.02 22.62 -5.16
C ARG A 449 5.04 21.50 -5.06
N ILE A 450 4.87 20.61 -4.08
CA ILE A 450 5.77 19.47 -3.95
C ILE A 450 5.65 18.55 -5.17
N ALA A 451 4.42 18.37 -5.67
CA ALA A 451 4.21 17.48 -6.81
C ALA A 451 4.79 18.05 -8.09
N ARG A 452 4.63 19.36 -8.32
CA ARG A 452 5.12 19.96 -9.55
C ARG A 452 6.63 19.91 -9.66
N THR A 453 7.34 19.68 -8.55
CA THR A 453 8.80 19.62 -8.55
C THR A 453 9.34 18.19 -8.72
N LEU A 454 8.51 17.22 -8.93
CA LEU A 454 9.05 15.90 -9.05
C LEU A 454 9.63 15.69 -10.38
N PRO A 455 10.37 14.59 -10.53
CA PRO A 455 10.91 14.27 -11.86
C PRO A 455 9.79 13.95 -12.84
N ALA A 456 10.08 14.17 -14.13
CA ALA A 456 9.05 14.06 -15.15
C ALA A 456 8.46 12.66 -15.21
N ASP A 457 9.30 11.62 -15.11
CA ASP A 457 8.80 10.26 -15.17
C ASP A 457 7.92 9.91 -13.97
N GLN A 458 8.17 10.54 -12.83
CA GLN A 458 7.39 10.29 -11.62
C GLN A 458 6.34 11.35 -11.37
N LYS A 459 6.13 12.26 -12.33
CA LYS A 459 5.17 13.35 -12.15
C LYS A 459 3.75 12.81 -12.03
N PRO A 460 2.97 13.25 -11.04
CA PRO A 460 1.60 12.75 -10.91
C PRO A 460 0.74 13.16 -12.10
N GLU A 461 -0.21 12.30 -12.44
CA GLU A 461 -1.15 12.55 -13.52
C GLU A 461 -2.57 12.41 -12.99
N CYS A 462 -3.37 13.46 -13.13
CA CYS A 462 -4.75 13.46 -12.67
C CYS A 462 -5.59 12.76 -13.73
N ARG A 463 -5.54 11.43 -13.72
CA ARG A 463 -6.20 10.62 -14.72
C ARG A 463 -7.29 9.79 -14.08
N PRO A 464 -8.49 9.70 -14.66
CA PRO A 464 -8.90 10.38 -15.91
C PRO A 464 -9.30 11.84 -15.69
N TYR A 465 -9.04 12.69 -16.69
CA TYR A 465 -9.41 14.11 -16.66
C TYR A 465 -9.88 14.52 -18.04
N TRP A 466 -10.88 15.41 -18.09
CA TRP A 466 -11.41 15.89 -19.35
C TRP A 466 -12.01 17.28 -19.14
N GLU A 467 -11.71 18.19 -20.07
CA GLU A 467 -12.23 19.54 -19.96
C GLU A 467 -13.74 19.55 -20.22
N LYS A 468 -14.39 20.61 -19.74
CA LYS A 468 -15.84 20.74 -19.89
C LYS A 468 -16.25 20.79 -21.36
N ASP A 469 -15.34 21.17 -22.25
CA ASP A 469 -15.61 21.21 -23.68
C ASP A 469 -15.33 19.88 -24.37
N ASP A 470 -15.28 18.78 -23.62
CA ASP A 470 -15.01 17.47 -24.19
C ASP A 470 -16.32 16.71 -24.33
N ALA A 471 -16.71 16.42 -25.57
CA ALA A 471 -17.93 15.70 -25.86
C ALA A 471 -17.77 14.19 -25.81
N SER A 472 -16.54 13.69 -25.71
CA SER A 472 -16.35 12.24 -25.62
C SER A 472 -16.82 11.67 -24.28
N MET A 473 -17.11 12.53 -23.30
CA MET A 473 -17.55 12.11 -21.98
C MET A 473 -18.98 12.56 -21.75
N PRO A 474 -19.85 11.66 -21.25
CA PRO A 474 -21.24 12.06 -21.00
C PRO A 474 -21.40 13.08 -19.89
N LEU A 475 -20.46 13.16 -18.95
CA LEU A 475 -20.60 14.05 -17.80
C LEU A 475 -19.33 14.86 -17.61
N PRO A 476 -19.45 16.06 -17.05
CA PRO A 476 -18.27 16.87 -16.77
C PRO A 476 -17.51 16.36 -15.54
N PHE A 477 -16.27 16.85 -15.41
CA PHE A 477 -15.45 16.47 -14.27
C PHE A 477 -15.99 17.05 -12.97
N ASP A 478 -16.44 18.31 -13.00
CA ASP A 478 -16.98 18.96 -11.81
C ASP A 478 -18.47 18.65 -11.71
N LEU A 479 -18.89 18.15 -10.55
CA LEU A 479 -20.27 17.73 -10.33
C LEU A 479 -21.05 18.67 -9.42
N THR A 480 -20.44 19.80 -9.01
CA THR A 480 -21.04 20.64 -7.98
C THR A 480 -22.37 21.22 -8.43
N ASP A 481 -22.47 21.66 -9.69
CA ASP A 481 -23.74 22.15 -10.20
C ASP A 481 -24.80 21.06 -10.16
N ILE A 482 -24.41 19.83 -10.50
CA ILE A 482 -25.35 18.71 -10.40
C ILE A 482 -25.68 18.43 -8.94
N VAL A 483 -24.65 18.40 -8.09
CA VAL A 483 -24.86 18.09 -6.68
C VAL A 483 -25.78 19.13 -6.03
N SER A 484 -25.53 20.41 -6.32
CA SER A 484 -26.36 21.46 -5.74
C SER A 484 -27.81 21.33 -6.20
N GLU A 485 -28.00 21.03 -7.49
CA GLU A 485 -29.36 20.86 -8.01
C GLU A 485 -30.04 19.64 -7.38
N LEU A 486 -29.30 18.55 -7.24
CA LEU A 486 -29.86 17.36 -6.62
C LEU A 486 -30.19 17.61 -5.15
N ARG A 487 -29.35 18.36 -4.44
CA ARG A 487 -29.64 18.70 -3.06
C ARG A 487 -30.92 19.53 -2.97
N GLY A 488 -31.11 20.47 -3.89
CA GLY A 488 -32.33 21.26 -3.91
C GLY A 488 -33.57 20.47 -4.29
N GLN A 489 -33.39 19.32 -4.95
CA GLN A 489 -34.53 18.46 -5.24
C GLN A 489 -35.20 17.98 -3.96
N LEU A 490 -34.41 17.53 -2.99
CA LEU A 490 -34.97 17.08 -1.73
C LEU A 490 -35.47 18.25 -0.88
N LEU A 491 -34.89 19.43 -1.07
CA LEU A 491 -35.33 20.59 -0.30
C LEU A 491 -36.72 21.06 -0.73
N GLU A 492 -37.01 21.01 -2.03
CA GLU A 492 -38.30 21.49 -2.52
C GLU A 492 -39.44 20.57 -2.11
N ALA A 493 -39.16 19.30 -1.88
CA ALA A 493 -40.17 18.34 -1.48
C ALA A 493 -40.44 18.41 0.01
ZN ZN B . 7.61 -0.83 9.60
C1 HZX C . 11.66 -1.82 8.30
C10 HZX C . 3.55 1.94 7.76
C11 HZX C . 6.42 1.25 5.88
C12 HZX C . 7.73 1.55 5.60
C2 HZX C . 9.59 -0.55 8.03
C3 HZX C . 8.44 0.06 7.26
C4 HZX C . 6.19 0.34 6.88
C5 HZX C . 3.67 0.66 7.25
C6 HZX C . 2.58 0.07 6.67
C7 HZX C . 1.39 0.74 6.57
C8 HZX C . 1.28 2.02 7.06
C9 HZX C . 2.35 2.63 7.67
N2 HZX C . 4.89 -0.11 7.31
O1 HZX C . -1.06 2.11 6.24
O3 HZX C . 10.11 1.21 6.08
O5 HZX C . 13.95 -2.38 8.17
N HZX C . 10.62 -1.32 7.43
C HZX C . 13.01 -1.78 7.65
O HZX C . 13.18 -1.16 6.60
C13 HZX C . 8.76 0.96 6.30
N1 HZX C . 7.18 -0.23 7.51
N3 HZX C . -0.01 2.68 6.96
O2 HZX C . -0.22 3.68 7.51
O4 HZX C . 9.70 -0.30 9.15
#